data_7RG8
#
_entry.id   7RG8
#
_cell.length_a   59.785
_cell.length_b   76.094
_cell.length_c   124.432
_cell.angle_alpha   90.000
_cell.angle_beta   90.000
_cell.angle_gamma   90.000
#
_symmetry.space_group_name_H-M   'P 21 21 21'
#
loop_
_entity.id
_entity.type
_entity.pdbx_description
1 polymer 'Heparanase 50 kDa subunit'
2 polymer 'Heparanase 8 kDa subunit'
3 non-polymer 'ACETATE ION'
4 non-polymer 'SODIUM ION'
5 water water
#
loop_
_entity_poly.entity_id
_entity_poly.type
_entity_poly.pdbx_seq_one_letter_code
_entity_poly.pdbx_strand_id
1 'polypeptide(L)'
;MKKFKNSTYSRSSVDVLYTFAKCSGLDLIFGLNALLRTSDGQWNSSNAQLLLDYCASKGYNIDWELGNEPNSFRKKAGIF
INGSQLGKDFIHLHKLLRKSTFKNAKLYGPDVGQPRGKTAKMLKSFLKAGGEVIDAVTWHHYYLNGRTATLEDFLNPDVL
DTFISQVQKVLQVVESTRPGKKVWLGETSSAYGGGAPGLSDTFAAGFMWLDKLGLSARMGIEVVMRQVFFGAGNYHLVDE
NFDPLPDYWLSLLFKKLVGTKVLMASVQGQDRRKLRVYLHCTNTDNPRYKEGDLTLYAINLHNVTKYLRLPYPFSNKQVD
QYLLRPHGPDGLLSKSVQLNGQTLKMVDDQTLPPLKPKPLRPGSSLGLPAFSYAFFVIRNAKVPACI
;
A
2 'polypeptide(L)'
;MGSSHHHHHHSQDPNSSSQDVVDLDFFTQEPLHLVSPSFLSVTIDANLATDPRFLILLGSPKLRTLARGLSPAYLRFGGT
KTDFLIFDPKKE
;
B
#
loop_
_chem_comp.id
_chem_comp.type
_chem_comp.name
_chem_comp.formula
ACT non-polymer 'ACETATE ION' 'C2 H3 O2 -1'
NA non-polymer 'SODIUM ION' 'Na 1'
#
# COMPACT_ATOMS: atom_id res chain seq x y z
N LYS A 3 -27.30 -3.28 2.71
CA LYS A 3 -27.03 -2.21 3.68
C LYS A 3 -26.64 -0.92 2.96
N PHE A 4 -25.85 -1.03 1.89
CA PHE A 4 -25.46 0.14 1.11
C PHE A 4 -26.56 0.53 0.12
N LYS A 5 -26.83 1.83 0.04
CA LYS A 5 -27.62 2.41 -1.04
C LYS A 5 -26.72 3.31 -1.87
N ASN A 6 -27.22 3.74 -3.03
CA ASN A 6 -26.43 4.55 -3.94
C ASN A 6 -26.45 6.02 -3.53
N SER A 7 -25.36 6.71 -3.85
CA SER A 7 -25.23 8.15 -3.70
C SER A 7 -24.68 8.72 -5.00
N THR A 8 -24.78 10.04 -5.18
CA THR A 8 -24.25 10.69 -6.37
C THR A 8 -23.02 11.49 -6.01
N TYR A 9 -22.19 11.74 -7.02
CA TYR A 9 -21.05 12.65 -6.90
C TYR A 9 -20.99 13.59 -8.09
N SER A 10 -20.41 14.74 -7.86
CA SER A 10 -20.43 15.85 -8.82
C SER A 10 -19.11 15.97 -9.56
N ARG A 11 -19.15 16.78 -10.62
CA ARG A 11 -17.93 17.22 -11.29
C ARG A 11 -16.96 17.88 -10.31
N SER A 12 -17.48 18.68 -9.39
CA SER A 12 -16.59 19.38 -8.45
C SER A 12 -15.85 18.37 -7.59
N SER A 13 -16.53 17.28 -7.21
CA SER A 13 -15.85 16.26 -6.41
C SER A 13 -14.75 15.58 -7.21
N VAL A 14 -15.00 15.30 -8.48
CA VAL A 14 -13.97 14.74 -9.35
C VAL A 14 -12.81 15.72 -9.46
N ASP A 15 -13.13 17.00 -9.68
CA ASP A 15 -12.09 18.00 -9.83
C ASP A 15 -11.20 18.09 -8.60
N VAL A 16 -11.81 18.11 -7.40
CA VAL A 16 -11.03 18.28 -6.19
C VAL A 16 -10.15 17.06 -5.95
N LEU A 17 -10.68 15.86 -6.22
CA LEU A 17 -9.89 14.65 -6.09
C LEU A 17 -8.70 14.65 -7.04
N TYR A 18 -8.95 15.03 -8.30
CA TYR A 18 -7.86 15.10 -9.27
C TYR A 18 -6.81 16.13 -8.84
N THR A 19 -7.27 17.32 -8.45
CA THR A 19 -6.36 18.37 -8.04
C THR A 19 -5.56 17.97 -6.81
N PHE A 20 -6.21 17.30 -5.85
CA PHE A 20 -5.49 16.83 -4.68
C PHE A 20 -4.35 15.90 -5.11
N ALA A 21 -4.64 14.94 -5.99
CA ALA A 21 -3.61 14.03 -6.45
C ALA A 21 -2.52 14.78 -7.20
N LYS A 22 -2.91 15.58 -8.19
CA LYS A 22 -1.92 16.25 -9.04
C LYS A 22 -1.01 17.15 -8.21
N CYS A 23 -1.61 17.96 -7.33
CA CYS A 23 -0.82 18.91 -6.57
C CYS A 23 0.05 18.25 -5.52
N SER A 24 -0.22 17.00 -5.19
CA SER A 24 0.60 16.24 -4.26
C SER A 24 1.57 15.30 -4.96
N GLY A 25 1.60 15.28 -6.28
CA GLY A 25 2.49 14.39 -7.00
C GLY A 25 2.07 12.94 -6.98
N LEU A 26 0.77 12.67 -6.89
CA LEU A 26 0.21 11.34 -6.86
C LEU A 26 -0.53 11.06 -8.17
N ASP A 27 -0.65 9.79 -8.52
CA ASP A 27 -1.31 9.34 -9.73
C ASP A 27 -2.66 8.72 -9.37
N LEU A 28 -3.73 9.35 -9.81
CA LEU A 28 -5.07 8.93 -9.44
C LEU A 28 -5.54 7.68 -10.18
N ILE A 29 -6.11 6.75 -9.44
CA ILE A 29 -6.83 5.60 -9.98
C ILE A 29 -8.26 5.74 -9.47
N PHE A 30 -9.23 5.71 -10.38
CA PHE A 30 -10.63 5.92 -10.02
C PHE A 30 -11.44 4.66 -10.31
N GLY A 31 -12.08 4.13 -9.27
CA GLY A 31 -12.92 2.95 -9.43
C GLY A 31 -14.33 3.27 -9.93
N LEU A 32 -14.71 2.67 -11.05
CA LEU A 32 -16.04 2.84 -11.63
C LEU A 32 -17.02 1.81 -11.08
N ASN A 33 -18.30 2.16 -11.10
CA ASN A 33 -19.38 1.34 -10.56
C ASN A 33 -19.73 0.19 -11.51
N ALA A 34 -19.49 -1.05 -11.06
CA ALA A 34 -19.74 -2.23 -11.86
C ALA A 34 -21.15 -2.77 -11.70
N LEU A 35 -21.94 -2.22 -10.78
CA LEU A 35 -23.27 -2.75 -10.50
C LEU A 35 -24.38 -2.04 -11.25
N LEU A 36 -24.04 -1.25 -12.27
CA LEU A 36 -24.98 -0.69 -13.22
C LEU A 36 -25.06 -1.74 -14.33
N ARG A 37 -26.18 -2.45 -14.41
CA ARG A 37 -26.31 -3.62 -15.26
C ARG A 37 -27.47 -3.46 -16.23
N THR A 38 -27.30 -4.02 -17.42
CA THR A 38 -28.38 -4.08 -18.39
C THR A 38 -29.31 -5.24 -18.07
N SER A 39 -30.45 -5.27 -18.76
CA SER A 39 -31.42 -6.33 -18.55
C SER A 39 -30.95 -7.68 -19.08
N ASP A 40 -29.88 -7.71 -19.89
CA ASP A 40 -29.30 -8.98 -20.32
C ASP A 40 -27.99 -9.30 -19.60
N GLY A 41 -27.76 -8.69 -18.43
CA GLY A 41 -26.68 -9.11 -17.56
C GLY A 41 -25.32 -8.54 -17.85
N GLN A 42 -25.24 -7.48 -18.66
CA GLN A 42 -23.97 -6.85 -19.02
C GLN A 42 -23.76 -5.60 -18.18
N TRP A 43 -22.52 -5.17 -18.05
CA TRP A 43 -22.25 -3.85 -17.50
C TRP A 43 -22.87 -2.78 -18.41
N ASN A 44 -23.60 -1.85 -17.81
CA ASN A 44 -24.15 -0.69 -18.51
C ASN A 44 -23.14 0.44 -18.36
N SER A 45 -22.47 0.80 -19.45
CA SER A 45 -21.39 1.76 -19.41
C SER A 45 -21.83 3.22 -19.52
N SER A 46 -23.14 3.49 -19.50
N SER A 46 -23.15 3.47 -19.52
CA SER A 46 -23.61 4.84 -19.84
CA SER A 46 -23.66 4.82 -19.80
C SER A 46 -23.17 5.87 -18.81
C SER A 46 -23.12 5.84 -18.81
N ASN A 47 -23.18 5.54 -17.52
CA ASN A 47 -22.76 6.53 -16.53
C ASN A 47 -21.25 6.75 -16.59
N ALA A 48 -20.49 5.66 -16.71
CA ALA A 48 -19.04 5.79 -16.83
C ALA A 48 -18.67 6.61 -18.07
N GLN A 49 -19.39 6.43 -19.18
CA GLN A 49 -19.10 7.20 -20.38
C GLN A 49 -19.18 8.69 -20.11
N LEU A 50 -20.19 9.13 -19.34
CA LEU A 50 -20.30 10.54 -19.01
C LEU A 50 -19.07 11.01 -18.24
N LEU A 51 -18.62 10.21 -17.27
CA LEU A 51 -17.46 10.58 -16.49
C LEU A 51 -16.19 10.58 -17.33
N LEU A 52 -16.01 9.55 -18.15
CA LEU A 52 -14.83 9.51 -19.01
C LEU A 52 -14.79 10.72 -19.93
N ASP A 53 -15.92 11.06 -20.53
CA ASP A 53 -15.98 12.22 -21.43
C ASP A 53 -15.65 13.50 -20.67
N TYR A 54 -16.18 13.64 -19.46
CA TYR A 54 -15.90 14.83 -18.67
C TYR A 54 -14.41 14.93 -18.38
N CYS A 55 -13.81 13.83 -17.89
CA CYS A 55 -12.40 13.86 -17.53
C CYS A 55 -11.53 14.12 -18.76
N ALA A 56 -11.87 13.53 -19.90
CA ALA A 56 -11.10 13.79 -21.11
C ALA A 56 -11.19 15.25 -21.50
N SER A 57 -12.40 15.83 -21.40
CA SER A 57 -12.56 17.23 -21.79
C SER A 57 -11.73 18.14 -20.91
N LYS A 58 -11.49 17.75 -19.66
CA LYS A 58 -10.67 18.53 -18.74
C LYS A 58 -9.18 18.24 -18.88
N GLY A 59 -8.80 17.24 -19.67
CA GLY A 59 -7.41 16.90 -19.81
C GLY A 59 -6.84 16.15 -18.64
N TYR A 60 -7.69 15.46 -17.88
CA TYR A 60 -7.23 14.73 -16.69
C TYR A 60 -6.59 13.41 -17.10
N ASN A 61 -5.44 13.12 -16.49
CA ASN A 61 -4.75 11.85 -16.67
C ASN A 61 -5.09 10.96 -15.48
N ILE A 62 -6.01 10.05 -15.71
CA ILE A 62 -6.54 9.17 -14.66
C ILE A 62 -6.47 7.74 -15.18
N ASP A 63 -6.12 6.81 -14.30
CA ASP A 63 -6.24 5.38 -14.57
C ASP A 63 -7.50 4.86 -13.89
N TRP A 64 -7.97 3.70 -14.34
CA TRP A 64 -9.31 3.26 -13.99
C TRP A 64 -9.34 1.84 -13.45
N GLU A 65 -10.36 1.59 -12.63
CA GLU A 65 -10.75 0.26 -12.19
C GLU A 65 -12.25 0.14 -12.41
N LEU A 66 -12.76 -1.07 -12.34
CA LEU A 66 -14.19 -1.35 -12.52
C LEU A 66 -14.61 -2.36 -11.47
N GLY A 67 -15.40 -1.91 -10.51
CA GLY A 67 -15.87 -2.75 -9.43
C GLY A 67 -14.88 -2.88 -8.28
N ASN A 68 -15.42 -3.22 -7.12
CA ASN A 68 -14.67 -3.48 -5.90
C ASN A 68 -15.17 -4.77 -5.28
N GLU A 69 -14.27 -5.70 -5.04
CA GLU A 69 -14.62 -6.97 -4.39
C GLU A 69 -15.85 -7.61 -5.04
N PRO A 70 -15.77 -7.94 -6.32
CA PRO A 70 -16.92 -8.55 -7.00
C PRO A 70 -17.30 -9.89 -6.43
N ASN A 71 -16.38 -10.54 -5.72
CA ASN A 71 -16.66 -11.80 -5.05
C ASN A 71 -17.76 -11.67 -4.02
N SER A 72 -18.04 -10.48 -3.52
CA SER A 72 -19.11 -10.31 -2.53
C SER A 72 -20.34 -9.59 -3.08
N PHE A 73 -20.48 -9.47 -4.40
CA PHE A 73 -21.66 -8.83 -4.96
C PHE A 73 -22.96 -9.55 -4.58
N ARG A 74 -22.92 -10.89 -4.51
CA ARG A 74 -24.15 -11.61 -4.18
C ARG A 74 -24.67 -11.19 -2.80
N LYS A 75 -23.76 -11.08 -1.82
CA LYS A 75 -24.17 -10.70 -0.48
C LYS A 75 -24.45 -9.19 -0.35
N LYS A 76 -23.63 -8.35 -0.98
CA LYS A 76 -23.78 -6.91 -0.80
C LYS A 76 -24.91 -6.32 -1.63
N ALA A 77 -25.24 -6.92 -2.76
CA ALA A 77 -26.14 -6.30 -3.72
C ALA A 77 -27.16 -7.25 -4.31
N GLY A 78 -27.19 -8.50 -3.88
CA GLY A 78 -28.22 -9.41 -4.33
C GLY A 78 -28.09 -9.82 -5.77
N ILE A 79 -26.88 -9.77 -6.33
CA ILE A 79 -26.66 -10.13 -7.72
C ILE A 79 -25.33 -10.85 -7.84
N PHE A 80 -25.31 -11.90 -8.63
CA PHE A 80 -24.09 -12.64 -8.92
C PHE A 80 -23.62 -12.33 -10.33
N ILE A 81 -22.39 -11.83 -10.44
CA ILE A 81 -21.71 -11.62 -11.71
C ILE A 81 -20.49 -12.53 -11.70
N ASN A 82 -20.46 -13.50 -12.62
CA ASN A 82 -19.31 -14.41 -12.58
C ASN A 82 -18.09 -13.75 -13.21
N GLY A 83 -16.94 -14.37 -12.99
CA GLY A 83 -15.70 -13.80 -13.44
C GLY A 83 -15.60 -13.67 -14.95
N SER A 84 -16.19 -14.62 -15.68
CA SER A 84 -16.17 -14.52 -17.15
C SER A 84 -16.93 -13.29 -17.61
N GLN A 85 -18.10 -13.04 -17.02
CA GLN A 85 -18.88 -11.85 -17.37
C GLN A 85 -18.13 -10.59 -16.98
N LEU A 86 -17.53 -10.57 -15.78
CA LEU A 86 -16.77 -9.40 -15.36
C LEU A 86 -15.62 -9.13 -16.33
N GLY A 87 -14.99 -10.19 -16.85
CA GLY A 87 -13.95 -9.99 -17.84
C GLY A 87 -14.47 -9.34 -19.11
N LYS A 88 -15.65 -9.77 -19.55
CA LYS A 88 -16.29 -9.16 -20.71
C LYS A 88 -16.59 -7.69 -20.46
N ASP A 89 -17.03 -7.35 -19.24
CA ASP A 89 -17.29 -5.96 -18.89
C ASP A 89 -16.00 -5.15 -18.96
N PHE A 90 -14.89 -5.71 -18.46
CA PHE A 90 -13.61 -5.01 -18.53
C PHE A 90 -13.17 -4.79 -19.97
N ILE A 91 -13.41 -5.76 -20.86
CA ILE A 91 -13.08 -5.59 -22.27
C ILE A 91 -13.86 -4.40 -22.84
N HIS A 92 -15.13 -4.28 -22.47
CA HIS A 92 -15.91 -3.13 -22.92
C HIS A 92 -15.30 -1.82 -22.43
N LEU A 93 -14.95 -1.75 -21.14
CA LEU A 93 -14.34 -0.54 -20.61
C LEU A 93 -13.03 -0.23 -21.33
N HIS A 94 -12.22 -1.26 -21.59
CA HIS A 94 -10.99 -1.04 -22.35
C HIS A 94 -11.26 -0.38 -23.69
N LYS A 95 -12.31 -0.80 -24.40
CA LYS A 95 -12.61 -0.20 -25.69
C LYS A 95 -12.99 1.25 -25.53
N LEU A 96 -13.70 1.59 -24.45
CA LEU A 96 -14.06 2.99 -24.21
C LEU A 96 -12.83 3.84 -23.94
N LEU A 97 -11.87 3.30 -23.17
CA LEU A 97 -10.64 4.04 -22.93
C LEU A 97 -9.84 4.21 -24.21
N ARG A 98 -9.81 3.19 -25.07
CA ARG A 98 -9.07 3.26 -26.33
C ARG A 98 -9.66 4.33 -27.24
N LYS A 99 -11.00 4.48 -27.23
CA LYS A 99 -11.68 5.47 -28.06
C LYS A 99 -11.62 6.88 -27.50
N SER A 100 -11.24 7.02 -26.23
CA SER A 100 -11.20 8.32 -25.59
C SER A 100 -9.97 9.11 -26.06
N THR A 101 -9.86 10.35 -25.60
CA THR A 101 -8.68 11.15 -25.86
C THR A 101 -7.63 11.05 -24.75
N PHE A 102 -7.84 10.17 -23.77
CA PHE A 102 -6.82 9.95 -22.75
C PHE A 102 -5.54 9.46 -23.41
N LYS A 103 -4.40 10.02 -22.98
CA LYS A 103 -3.09 9.49 -23.38
C LYS A 103 -2.84 8.20 -22.59
N ASN A 104 -3.18 7.07 -23.19
CA ASN A 104 -2.81 5.73 -22.69
C ASN A 104 -3.17 5.55 -21.21
N ALA A 105 -4.46 5.70 -20.94
CA ALA A 105 -4.99 5.39 -19.62
C ALA A 105 -4.86 3.90 -19.34
N LYS A 106 -4.53 3.58 -18.11
CA LYS A 106 -4.37 2.20 -17.70
C LYS A 106 -5.63 1.70 -17.02
N LEU A 107 -5.76 0.38 -16.99
CA LEU A 107 -6.94 -0.31 -16.48
C LEU A 107 -6.47 -1.43 -15.55
N TYR A 108 -6.95 -1.39 -14.30
CA TYR A 108 -6.56 -2.35 -13.27
C TYR A 108 -7.79 -3.06 -12.75
N GLY A 109 -7.65 -4.32 -12.32
CA GLY A 109 -8.77 -5.05 -11.79
C GLY A 109 -8.35 -6.44 -11.40
N PRO A 110 -9.25 -7.22 -10.79
CA PRO A 110 -10.66 -6.93 -10.53
C PRO A 110 -10.93 -6.54 -9.07
N ASP A 111 -9.88 -6.26 -8.31
CA ASP A 111 -10.04 -5.83 -6.92
C ASP A 111 -10.80 -6.86 -6.08
N VAL A 112 -10.42 -8.14 -6.26
CA VAL A 112 -11.03 -9.21 -5.49
C VAL A 112 -10.52 -9.19 -4.05
N GLY A 113 -11.39 -9.63 -3.15
CA GLY A 113 -10.97 -9.93 -1.79
C GLY A 113 -10.01 -11.11 -1.75
N GLN A 114 -9.32 -11.21 -0.63
CA GLN A 114 -8.33 -12.26 -0.45
C GLN A 114 -9.00 -13.62 -0.48
N PRO A 115 -8.28 -14.66 -0.89
CA PRO A 115 -8.95 -15.96 -1.07
C PRO A 115 -9.25 -16.67 0.24
N ARG A 116 -8.56 -16.34 1.32
CA ARG A 116 -8.81 -16.95 2.65
C ARG A 116 -8.44 -18.43 2.56
N GLY A 117 -9.30 -19.34 2.98
CA GLY A 117 -9.08 -20.76 2.97
C GLY A 117 -9.45 -21.44 1.69
N LYS A 118 -9.97 -20.71 0.71
CA LYS A 118 -10.38 -21.27 -0.57
C LYS A 118 -9.35 -20.91 -1.63
N THR A 119 -9.61 -21.33 -2.86
CA THR A 119 -8.83 -20.85 -3.99
C THR A 119 -9.35 -19.46 -4.39
N ALA A 120 -8.75 -18.88 -5.42
CA ALA A 120 -9.21 -17.61 -5.98
C ALA A 120 -9.94 -17.89 -7.29
N LYS A 121 -11.13 -18.47 -7.16
CA LYS A 121 -11.87 -18.98 -8.31
C LYS A 121 -12.35 -17.84 -9.23
N MET A 122 -12.98 -16.83 -8.66
CA MET A 122 -13.45 -15.73 -9.48
C MET A 122 -12.29 -15.02 -10.15
N LEU A 123 -11.17 -14.86 -9.43
CA LEU A 123 -10.00 -14.26 -10.05
C LEU A 123 -9.55 -15.06 -11.26
N LYS A 124 -9.54 -16.39 -11.15
CA LYS A 124 -9.05 -17.20 -12.25
C LYS A 124 -9.93 -17.03 -13.48
N SER A 125 -11.24 -17.10 -13.29
CA SER A 125 -12.14 -16.97 -14.44
C SER A 125 -12.09 -15.57 -15.03
N PHE A 126 -11.95 -14.56 -14.17
CA PHE A 126 -11.79 -13.19 -14.65
C PHE A 126 -10.54 -13.06 -15.52
N LEU A 127 -9.41 -13.61 -15.04
CA LEU A 127 -8.17 -13.45 -15.79
C LEU A 127 -8.21 -14.22 -17.11
N LYS A 128 -8.88 -15.37 -17.13
CA LYS A 128 -9.03 -16.09 -18.39
C LYS A 128 -9.80 -15.25 -19.41
N ALA A 129 -10.85 -14.58 -18.95
CA ALA A 129 -11.76 -13.87 -19.86
C ALA A 129 -11.25 -12.48 -20.20
N GLY A 130 -10.78 -11.73 -19.19
CA GLY A 130 -10.50 -10.33 -19.36
C GLY A 130 -9.06 -9.91 -19.09
N GLY A 131 -8.19 -10.88 -18.81
CA GLY A 131 -6.84 -10.55 -18.40
C GLY A 131 -6.01 -9.82 -19.45
N GLU A 132 -6.36 -9.96 -20.72
CA GLU A 132 -5.56 -9.31 -21.75
CA GLU A 132 -5.55 -9.31 -21.74
C GLU A 132 -5.65 -7.79 -21.69
N VAL A 133 -6.72 -7.25 -21.11
CA VAL A 133 -6.93 -5.81 -21.14
C VAL A 133 -6.51 -5.11 -19.85
N ILE A 134 -6.06 -5.83 -18.85
CA ILE A 134 -5.67 -5.16 -17.62
C ILE A 134 -4.16 -5.02 -17.56
N ASP A 135 -3.71 -3.91 -17.00
CA ASP A 135 -2.28 -3.61 -16.90
C ASP A 135 -1.67 -4.14 -15.62
N ALA A 136 -2.49 -4.45 -14.62
CA ALA A 136 -2.02 -5.12 -13.41
C ALA A 136 -3.24 -5.73 -12.75
N VAL A 137 -3.02 -6.83 -12.03
CA VAL A 137 -4.07 -7.54 -11.30
C VAL A 137 -4.13 -6.98 -9.89
N THR A 138 -5.31 -6.56 -9.44
CA THR A 138 -5.46 -6.07 -8.10
C THR A 138 -6.25 -7.02 -7.22
N TRP A 139 -5.79 -7.16 -5.97
CA TRP A 139 -6.47 -7.93 -4.95
C TRP A 139 -6.30 -7.21 -3.62
N HIS A 140 -7.09 -7.61 -2.64
CA HIS A 140 -7.15 -6.94 -1.35
C HIS A 140 -6.72 -7.89 -0.23
N HIS A 141 -6.27 -7.32 0.88
CA HIS A 141 -5.87 -8.15 2.02
C HIS A 141 -5.98 -7.39 3.33
N TYR A 142 -6.55 -8.07 4.33
CA TYR A 142 -6.54 -7.65 5.73
C TYR A 142 -6.18 -8.88 6.55
N TYR A 143 -5.45 -8.67 7.66
CA TYR A 143 -5.06 -9.81 8.48
C TYR A 143 -6.21 -10.29 9.35
N LEU A 144 -6.96 -9.36 9.94
CA LEU A 144 -7.88 -9.68 11.02
C LEU A 144 -9.16 -8.87 10.92
N ASN A 145 -10.18 -9.30 11.68
CA ASN A 145 -11.39 -8.52 11.89
C ASN A 145 -11.12 -7.43 12.92
N GLY A 146 -11.34 -6.17 12.54
CA GLY A 146 -11.13 -5.08 13.47
C GLY A 146 -12.02 -5.14 14.68
N ARG A 147 -13.15 -5.85 14.62
CA ARG A 147 -14.01 -5.88 15.79
C ARG A 147 -13.46 -6.75 16.91
N THR A 148 -12.58 -7.70 16.59
CA THR A 148 -12.08 -8.65 17.58
C THR A 148 -10.57 -8.65 17.75
N ALA A 149 -9.82 -7.94 16.91
CA ALA A 149 -8.37 -8.00 17.00
C ALA A 149 -7.88 -7.42 18.32
N THR A 150 -6.78 -7.97 18.81
CA THR A 150 -6.13 -7.55 20.06
C THR A 150 -4.68 -7.19 19.80
N LEU A 151 -4.08 -6.50 20.77
CA LEU A 151 -2.66 -6.18 20.68
C LEU A 151 -1.81 -7.44 20.44
N GLU A 152 -2.09 -8.50 21.19
CA GLU A 152 -1.35 -9.74 21.00
C GLU A 152 -1.35 -10.16 19.54
N ASP A 153 -2.50 -10.05 18.85
CA ASP A 153 -2.57 -10.42 17.45
C ASP A 153 -1.63 -9.57 16.60
N PHE A 154 -1.59 -8.27 16.87
CA PHE A 154 -0.77 -7.35 16.10
C PHE A 154 0.72 -7.63 16.27
N LEU A 155 1.10 -8.34 17.33
CA LEU A 155 2.50 -8.65 17.63
C LEU A 155 2.84 -10.10 17.33
N ASN A 156 1.93 -10.86 16.72
CA ASN A 156 2.06 -12.31 16.66
C ASN A 156 2.67 -12.71 15.33
N PRO A 157 3.86 -13.32 15.31
CA PRO A 157 4.45 -13.72 14.03
C PRO A 157 3.59 -14.72 13.26
N ASP A 158 2.78 -15.52 13.94
CA ASP A 158 1.91 -16.43 13.22
C ASP A 158 0.86 -15.66 12.40
N VAL A 159 0.33 -14.58 12.97
CA VAL A 159 -0.59 -13.72 12.22
C VAL A 159 0.12 -13.14 11.01
N LEU A 160 1.33 -12.59 11.23
CA LEU A 160 2.07 -12.03 10.11
C LEU A 160 2.27 -13.07 9.02
N ASP A 161 2.59 -14.30 9.40
CA ASP A 161 2.90 -15.33 8.43
C ASP A 161 1.68 -15.76 7.62
N THR A 162 0.45 -15.50 8.10
CA THR A 162 -0.72 -15.87 7.30
C THR A 162 -0.73 -15.15 5.96
N PHE A 163 -0.10 -13.98 5.87
CA PHE A 163 -0.06 -13.23 4.61
C PHE A 163 0.66 -14.01 3.52
N ILE A 164 1.67 -14.79 3.88
CA ILE A 164 2.47 -15.53 2.89
C ILE A 164 1.57 -16.44 2.07
N SER A 165 0.71 -17.21 2.74
CA SER A 165 -0.16 -18.16 2.05
C SER A 165 -1.16 -17.43 1.15
N GLN A 166 -1.66 -16.28 1.59
CA GLN A 166 -2.58 -15.51 0.77
C GLN A 166 -1.90 -15.04 -0.53
N VAL A 167 -0.69 -14.50 -0.40
CA VAL A 167 0.06 -14.08 -1.58
C VAL A 167 0.31 -15.28 -2.49
N GLN A 168 0.74 -16.40 -1.91
CA GLN A 168 1.05 -17.56 -2.73
C GLN A 168 -0.16 -17.99 -3.56
N LYS A 169 -1.34 -18.02 -2.94
CA LYS A 169 -2.54 -18.47 -3.65
C LYS A 169 -2.88 -17.53 -4.80
N VAL A 170 -2.79 -16.22 -4.59
CA VAL A 170 -3.08 -15.27 -5.65
C VAL A 170 -2.05 -15.39 -6.78
N LEU A 171 -0.77 -15.40 -6.43
CA LEU A 171 0.25 -15.50 -7.47
C LEU A 171 0.13 -16.79 -8.26
N GLN A 172 -0.26 -17.89 -7.61
CA GLN A 172 -0.46 -19.14 -8.35
C GLN A 172 -1.53 -18.98 -9.41
N VAL A 173 -2.64 -18.33 -9.08
CA VAL A 173 -3.70 -18.14 -10.06
C VAL A 173 -3.23 -17.26 -11.20
N VAL A 174 -2.51 -16.18 -10.89
CA VAL A 174 -2.03 -15.30 -11.96
C VAL A 174 -1.04 -16.05 -12.86
N GLU A 175 -0.11 -16.80 -12.26
CA GLU A 175 0.87 -17.49 -13.09
C GLU A 175 0.21 -18.56 -13.96
N SER A 176 -0.92 -19.12 -13.52
CA SER A 176 -1.64 -20.13 -14.27
C SER A 176 -2.49 -19.56 -15.40
N THR A 177 -2.75 -18.26 -15.42
CA THR A 177 -3.62 -17.66 -16.44
C THR A 177 -2.95 -16.57 -17.25
N ARG A 178 -2.13 -15.74 -16.62
CA ARG A 178 -1.49 -14.60 -17.27
C ARG A 178 -0.09 -14.48 -16.72
N PRO A 179 0.78 -15.45 -17.03
CA PRO A 179 2.13 -15.44 -16.43
C PRO A 179 2.87 -14.14 -16.73
N GLY A 180 3.47 -13.56 -15.70
CA GLY A 180 4.22 -12.33 -15.84
C GLY A 180 3.42 -11.07 -15.65
N LYS A 181 2.08 -11.15 -15.65
CA LYS A 181 1.28 -9.96 -15.42
C LYS A 181 1.58 -9.42 -14.04
N LYS A 182 1.68 -8.11 -13.94
CA LYS A 182 2.00 -7.49 -12.65
C LYS A 182 0.84 -7.69 -11.69
N VAL A 183 1.19 -7.86 -10.41
CA VAL A 183 0.22 -8.12 -9.35
C VAL A 183 0.38 -7.05 -8.28
N TRP A 184 -0.73 -6.39 -7.94
CA TRP A 184 -0.78 -5.31 -6.99
C TRP A 184 -1.75 -5.61 -5.86
N LEU A 185 -1.40 -5.19 -4.65
CA LEU A 185 -2.39 -5.11 -3.58
C LEU A 185 -3.12 -3.79 -3.76
N GLY A 186 -4.38 -3.85 -4.17
CA GLY A 186 -5.13 -2.66 -4.49
C GLY A 186 -5.85 -2.01 -3.35
N GLU A 187 -5.88 -2.63 -2.18
CA GLU A 187 -6.54 -2.11 -1.00
C GLU A 187 -6.12 -3.03 0.14
N THR A 188 -5.37 -2.53 1.12
CA THR A 188 -4.86 -3.46 2.13
C THR A 188 -4.53 -2.74 3.42
N SER A 189 -4.73 -3.44 4.54
CA SER A 189 -4.35 -2.87 5.82
C SER A 189 -4.36 -3.95 6.89
N SER A 190 -4.32 -3.51 8.15
CA SER A 190 -4.21 -4.42 9.29
C SER A 190 -5.49 -5.21 9.50
N ALA A 191 -6.62 -4.53 9.59
CA ALA A 191 -7.85 -5.16 10.04
C ALA A 191 -9.03 -4.56 9.30
N TYR A 192 -9.95 -5.42 8.89
CA TYR A 192 -11.14 -5.00 8.16
C TYR A 192 -12.21 -4.47 9.11
N GLY A 193 -13.30 -3.99 8.54
CA GLY A 193 -14.32 -3.38 9.35
C GLY A 193 -13.94 -2.01 9.85
N GLY A 194 -13.09 -1.30 9.10
CA GLY A 194 -12.66 0.03 9.48
C GLY A 194 -11.44 0.07 10.38
N GLY A 195 -10.79 -1.05 10.58
CA GLY A 195 -9.64 -1.10 11.45
C GLY A 195 -10.01 -1.45 12.88
N ALA A 196 -8.99 -1.81 13.65
CA ALA A 196 -9.16 -2.17 15.06
C ALA A 196 -9.06 -0.92 15.92
N PRO A 197 -10.13 -0.51 16.61
CA PRO A 197 -10.05 0.70 17.43
C PRO A 197 -8.94 0.57 18.47
N GLY A 198 -8.19 1.66 18.64
CA GLY A 198 -7.12 1.69 19.62
C GLY A 198 -5.90 0.89 19.27
N LEU A 199 -5.83 0.37 18.04
CA LEU A 199 -4.74 -0.50 17.63
C LEU A 199 -4.25 -0.13 16.24
N SER A 200 -5.18 -0.03 15.26
CA SER A 200 -4.78 0.21 13.87
C SER A 200 -4.18 1.59 13.64
N ASP A 201 -4.35 2.52 14.59
CA ASP A 201 -3.82 3.87 14.51
C ASP A 201 -2.64 4.10 15.46
N THR A 202 -1.94 3.05 15.86
CA THR A 202 -0.90 3.15 16.87
C THR A 202 0.45 2.67 16.32
N PHE A 203 1.49 2.86 17.13
CA PHE A 203 2.80 2.32 16.79
C PHE A 203 2.72 0.82 16.55
N ALA A 204 1.88 0.10 17.31
CA ALA A 204 1.79 -1.34 17.17
C ALA A 204 1.30 -1.78 15.80
N ALA A 205 0.62 -0.91 15.07
CA ALA A 205 0.17 -1.24 13.72
C ALA A 205 1.33 -1.36 12.74
N GLY A 206 2.51 -0.84 13.12
CA GLY A 206 3.60 -0.77 12.18
C GLY A 206 4.22 -2.12 11.87
N PHE A 207 4.09 -3.08 12.77
CA PHE A 207 4.66 -4.40 12.48
C PHE A 207 3.97 -5.03 11.27
N MET A 208 2.64 -5.02 11.26
CA MET A 208 1.88 -5.52 10.13
C MET A 208 2.19 -4.71 8.87
N TRP A 209 2.32 -3.40 8.99
CA TRP A 209 2.51 -2.61 7.78
C TRP A 209 3.91 -2.83 7.20
N LEU A 210 4.95 -2.74 8.03
CA LEU A 210 6.30 -2.92 7.50
C LEU A 210 6.51 -4.35 7.02
N ASP A 211 5.98 -5.33 7.75
CA ASP A 211 6.17 -6.71 7.34
C ASP A 211 5.47 -7.00 6.02
N LYS A 212 4.27 -6.45 5.84
CA LYS A 212 3.54 -6.61 4.58
C LYS A 212 4.33 -6.03 3.41
N LEU A 213 4.93 -4.85 3.61
CA LEU A 213 5.75 -4.27 2.56
C LEU A 213 6.95 -5.16 2.27
N GLY A 214 7.62 -5.65 3.31
CA GLY A 214 8.78 -6.50 3.11
C GLY A 214 8.45 -7.76 2.36
N LEU A 215 7.40 -8.46 2.78
CA LEU A 215 7.02 -9.71 2.12
C LEU A 215 6.46 -9.46 0.72
N SER A 216 5.66 -8.41 0.55
CA SER A 216 5.15 -8.11 -0.78
C SER A 216 6.28 -7.91 -1.76
N ALA A 217 7.29 -7.12 -1.37
CA ALA A 217 8.43 -6.88 -2.25
C ALA A 217 9.18 -8.18 -2.53
N ARG A 218 9.39 -8.98 -1.50
CA ARG A 218 10.15 -10.22 -1.64
C ARG A 218 9.43 -11.24 -2.50
N MET A 219 8.10 -11.23 -2.49
CA MET A 219 7.34 -12.29 -3.14
C MET A 219 6.88 -11.94 -4.56
N GLY A 220 7.03 -10.70 -4.99
CA GLY A 220 6.72 -10.33 -6.35
C GLY A 220 5.50 -9.45 -6.54
N ILE A 221 4.96 -8.85 -5.48
CA ILE A 221 3.93 -7.82 -5.59
C ILE A 221 4.62 -6.50 -5.92
N GLU A 222 4.11 -5.80 -6.95
CA GLU A 222 4.82 -4.65 -7.49
C GLU A 222 4.40 -3.32 -6.84
N VAL A 223 3.17 -3.23 -6.35
CA VAL A 223 2.59 -2.03 -5.76
C VAL A 223 1.68 -2.49 -4.63
N VAL A 224 1.72 -1.77 -3.50
CA VAL A 224 0.88 -2.03 -2.34
C VAL A 224 0.14 -0.75 -1.97
N MET A 225 -1.20 -0.78 -1.99
CA MET A 225 -2.01 0.41 -1.76
C MET A 225 -2.61 0.36 -0.36
N ARG A 226 -2.10 1.23 0.52
CA ARG A 226 -2.54 1.28 1.91
C ARG A 226 -3.92 1.90 2.05
N GLN A 227 -4.85 1.11 2.60
CA GLN A 227 -6.12 1.59 3.12
C GLN A 227 -5.88 2.13 4.53
N VAL A 228 -6.08 3.43 4.78
CA VAL A 228 -6.36 4.52 3.86
C VAL A 228 -5.34 5.63 4.17
N PHE A 229 -5.11 6.53 3.24
CA PHE A 229 -4.32 7.71 3.55
C PHE A 229 -5.00 8.57 4.61
N PHE A 230 -6.28 8.85 4.40
CA PHE A 230 -7.06 9.77 5.23
C PHE A 230 -8.48 9.29 5.12
N GLY A 231 -9.21 9.36 6.23
CA GLY A 231 -10.59 8.94 6.23
C GLY A 231 -11.05 8.54 7.62
N ALA A 232 -12.24 7.98 7.66
CA ALA A 232 -12.87 7.64 8.93
C ALA A 232 -12.28 6.42 9.61
N GLY A 233 -11.74 5.47 8.85
CA GLY A 233 -11.28 4.24 9.45
C GLY A 233 -10.05 4.44 10.31
N ASN A 234 -9.96 3.62 11.37
CA ASN A 234 -8.88 3.64 12.35
C ASN A 234 -7.52 3.31 11.73
N TYR A 235 -7.51 2.69 10.57
CA TYR A 235 -6.28 2.36 9.83
C TYR A 235 -5.79 3.52 8.96
N HIS A 236 -6.36 4.71 9.11
CA HIS A 236 -5.84 5.87 8.39
C HIS A 236 -4.39 6.16 8.77
N LEU A 237 -3.65 6.66 7.78
CA LEU A 237 -2.32 7.17 8.04
C LEU A 237 -2.35 8.54 8.67
N VAL A 238 -3.40 9.32 8.38
CA VAL A 238 -3.60 10.68 8.86
C VAL A 238 -5.01 10.74 9.40
N ASP A 239 -5.19 11.27 10.62
CA ASP A 239 -6.50 11.34 11.27
C ASP A 239 -7.31 12.54 10.74
N GLU A 240 -8.58 12.66 11.14
CA GLU A 240 -9.37 13.75 10.56
C GLU A 240 -9.10 15.10 11.22
N ASN A 241 -8.14 15.18 12.16
CA ASN A 241 -7.51 16.46 12.50
C ASN A 241 -6.32 16.74 11.59
N PHE A 242 -6.07 15.90 10.60
CA PHE A 242 -4.95 16.03 9.68
C PHE A 242 -3.61 15.80 10.35
N ASP A 243 -3.58 15.05 11.46
CA ASP A 243 -2.33 14.74 12.15
C ASP A 243 -1.82 13.37 11.74
N PRO A 244 -0.53 13.24 11.42
CA PRO A 244 0.00 11.95 10.98
C PRO A 244 0.16 10.99 12.15
N LEU A 245 -0.24 9.76 11.91
CA LEU A 245 -0.09 8.69 12.89
C LEU A 245 1.23 7.97 12.68
N PRO A 246 1.60 7.04 13.57
CA PRO A 246 2.92 6.41 13.44
C PRO A 246 3.14 5.76 12.09
N ASP A 247 2.10 5.11 11.53
CA ASP A 247 2.29 4.47 10.23
C ASP A 247 2.58 5.49 9.13
N TYR A 248 2.12 6.74 9.26
CA TYR A 248 2.52 7.74 8.27
C TYR A 248 4.03 7.92 8.29
N TRP A 249 4.60 8.10 9.48
CA TRP A 249 6.05 8.34 9.59
C TRP A 249 6.84 7.13 9.11
N LEU A 250 6.36 5.93 9.46
CA LEU A 250 6.96 4.71 8.95
C LEU A 250 6.95 4.70 7.43
N SER A 251 5.83 5.08 6.82
CA SER A 251 5.71 5.08 5.38
C SER A 251 6.62 6.12 4.75
N LEU A 252 6.74 7.28 5.38
CA LEU A 252 7.61 8.34 4.86
C LEU A 252 9.06 7.88 4.89
N LEU A 253 9.49 7.24 5.98
CA LEU A 253 10.84 6.74 6.04
C LEU A 253 11.07 5.65 5.00
N PHE A 254 10.10 4.75 4.85
CA PHE A 254 10.20 3.72 3.83
C PHE A 254 10.37 4.36 2.46
N LYS A 255 9.52 5.33 2.14
CA LYS A 255 9.60 6.03 0.86
C LYS A 255 10.99 6.62 0.64
N LYS A 256 11.58 7.23 1.67
CA LYS A 256 12.85 7.91 1.47
C LYS A 256 14.05 6.98 1.41
N LEU A 257 13.96 5.79 1.99
CA LEU A 257 15.15 4.97 2.18
C LEU A 257 15.18 3.71 1.34
N VAL A 258 14.03 3.14 0.99
CA VAL A 258 13.97 1.80 0.39
C VAL A 258 13.86 1.94 -1.13
N GLY A 259 14.78 1.31 -1.84
CA GLY A 259 14.80 1.40 -3.28
C GLY A 259 13.97 0.31 -3.96
N THR A 260 14.01 0.33 -5.28
CA THR A 260 13.16 -0.55 -6.06
C THR A 260 13.74 -1.95 -6.25
N LYS A 261 15.05 -2.13 -6.13
CA LYS A 261 15.65 -3.44 -6.34
C LYS A 261 15.56 -4.23 -5.04
N VAL A 262 14.84 -5.36 -5.09
CA VAL A 262 14.60 -6.20 -3.91
C VAL A 262 15.68 -7.26 -3.83
N LEU A 263 16.37 -7.32 -2.69
CA LEU A 263 17.38 -8.32 -2.40
C LEU A 263 16.86 -9.26 -1.32
N MET A 264 17.75 -9.98 -0.65
CA MET A 264 17.30 -10.88 0.40
C MET A 264 18.25 -10.88 1.58
N ALA A 265 17.67 -10.94 2.77
CA ALA A 265 18.39 -11.17 4.01
C ALA A 265 17.65 -12.25 4.79
N SER A 266 18.43 -12.99 5.58
CA SER A 266 17.83 -14.02 6.43
C SER A 266 18.73 -14.19 7.64
N VAL A 267 18.17 -14.73 8.71
CA VAL A 267 18.97 -15.01 9.89
C VAL A 267 19.64 -16.37 9.76
N GLN A 268 20.85 -16.45 10.27
CA GLN A 268 21.52 -17.74 10.40
C GLN A 268 20.95 -18.49 11.59
N GLY A 269 20.78 -19.79 11.43
CA GLY A 269 20.32 -20.61 12.54
C GLY A 269 18.82 -20.59 12.70
N GLN A 270 18.40 -20.95 13.92
CA GLN A 270 16.97 -21.07 14.20
C GLN A 270 16.28 -19.75 13.91
N ASP A 271 15.14 -19.83 13.23
CA ASP A 271 14.33 -18.67 12.88
C ASP A 271 12.99 -18.84 13.58
N ARG A 272 12.82 -18.20 14.73
CA ARG A 272 11.55 -18.20 15.46
C ARG A 272 10.54 -17.21 14.85
N ARG A 273 10.88 -16.55 13.75
CA ARG A 273 9.98 -15.69 12.98
C ARG A 273 9.67 -14.37 13.68
N LYS A 274 10.32 -14.09 14.82
CA LYS A 274 10.11 -12.83 15.51
C LYS A 274 11.12 -11.76 15.11
N LEU A 275 12.27 -12.16 14.58
CA LEU A 275 13.28 -11.26 14.04
C LEU A 275 13.18 -11.39 12.53
N ARG A 276 12.63 -10.37 11.87
CA ARG A 276 12.24 -10.45 10.46
C ARG A 276 13.02 -9.37 9.72
N VAL A 277 13.68 -9.76 8.63
CA VAL A 277 14.64 -8.88 7.95
C VAL A 277 14.39 -8.85 6.45
N TYR A 278 14.55 -7.65 5.87
CA TYR A 278 14.33 -7.38 4.46
C TYR A 278 15.46 -6.49 3.98
N LEU A 279 15.78 -6.60 2.70
CA LEU A 279 16.97 -5.94 2.15
C LEU A 279 16.65 -5.49 0.73
N HIS A 280 16.82 -4.19 0.47
CA HIS A 280 16.72 -3.63 -0.86
C HIS A 280 17.97 -2.79 -1.10
N CYS A 281 18.21 -2.44 -2.36
CA CYS A 281 19.11 -1.31 -2.61
C CYS A 281 18.51 -0.05 -2.01
N THR A 282 19.36 0.88 -1.61
CA THR A 282 18.90 2.16 -1.09
C THR A 282 18.27 2.99 -2.21
N ASN A 283 17.21 3.73 -1.87
CA ASN A 283 16.54 4.62 -2.80
C ASN A 283 17.54 5.64 -3.32
N THR A 284 17.86 5.58 -4.61
CA THR A 284 18.86 6.48 -5.18
C THR A 284 18.43 7.94 -5.15
N ASP A 285 17.12 8.22 -5.07
CA ASP A 285 16.67 9.60 -5.01
C ASP A 285 17.10 10.30 -3.73
N ASN A 286 17.49 9.54 -2.72
CA ASN A 286 17.91 10.15 -1.46
C ASN A 286 19.28 10.79 -1.63
N PRO A 287 19.41 12.10 -1.43
CA PRO A 287 20.71 12.76 -1.66
C PRO A 287 21.78 12.40 -0.64
N ARG A 288 21.43 11.79 0.48
CA ARG A 288 22.44 11.38 1.45
C ARG A 288 23.29 10.23 0.91
N TYR A 289 22.73 9.41 0.01
CA TYR A 289 23.29 8.10 -0.30
C TYR A 289 23.64 7.98 -1.78
N LYS A 290 24.29 6.88 -2.14
CA LYS A 290 24.90 6.73 -3.44
C LYS A 290 24.65 5.34 -3.98
N GLU A 291 24.83 5.19 -5.30
CA GLU A 291 24.68 3.90 -5.95
C GLU A 291 25.54 2.87 -5.23
N GLY A 292 24.96 1.70 -5.01
CA GLY A 292 25.62 0.63 -4.31
C GLY A 292 25.23 0.49 -2.86
N ASP A 293 24.61 1.51 -2.28
CA ASP A 293 24.22 1.45 -0.87
C ASP A 293 23.03 0.51 -0.68
N LEU A 294 22.95 -0.09 0.50
CA LEU A 294 21.92 -1.06 0.84
C LEU A 294 21.05 -0.50 1.96
N THR A 295 19.74 -0.77 1.89
CA THR A 295 18.84 -0.50 3.00
C THR A 295 18.29 -1.81 3.56
N LEU A 296 18.69 -2.12 4.78
CA LEU A 296 18.16 -3.24 5.57
C LEU A 296 17.03 -2.67 6.42
N TYR A 297 15.92 -3.39 6.49
CA TYR A 297 14.88 -3.03 7.44
C TYR A 297 14.48 -4.27 8.21
N ALA A 298 14.15 -4.07 9.49
CA ALA A 298 14.07 -5.19 10.40
C ALA A 298 13.01 -4.93 11.45
N ILE A 299 12.37 -6.01 11.86
CA ILE A 299 11.36 -6.04 12.90
C ILE A 299 11.87 -6.97 13.99
N ASN A 300 11.75 -6.53 15.24
CA ASN A 300 12.03 -7.38 16.40
C ASN A 300 10.76 -7.53 17.24
N LEU A 301 10.14 -8.71 17.18
CA LEU A 301 8.97 -9.03 17.97
C LEU A 301 9.30 -9.87 19.19
N HIS A 302 10.59 -10.05 19.50
CA HIS A 302 10.99 -10.63 20.77
C HIS A 302 10.80 -9.59 21.88
N ASN A 303 10.82 -10.06 23.12
CA ASN A 303 10.68 -9.19 24.29
C ASN A 303 12.03 -8.73 24.85
N VAL A 304 13.12 -8.98 24.13
CA VAL A 304 14.44 -8.47 24.49
C VAL A 304 15.11 -7.91 23.24
N THR A 305 16.12 -7.07 23.46
CA THR A 305 16.93 -6.54 22.38
C THR A 305 17.67 -7.66 21.67
N LYS A 306 17.72 -7.59 20.36
CA LYS A 306 18.55 -8.47 19.54
C LYS A 306 19.60 -7.63 18.82
N TYR A 307 20.78 -8.22 18.62
CA TYR A 307 21.92 -7.52 18.04
C TYR A 307 22.27 -8.18 16.71
N LEU A 308 22.12 -7.43 15.63
CA LEU A 308 22.31 -7.98 14.30
C LEU A 308 23.75 -7.76 13.85
N ARG A 309 24.36 -8.81 13.32
CA ARG A 309 25.71 -8.73 12.76
C ARG A 309 25.64 -8.91 11.26
N LEU A 310 26.21 -7.99 10.54
CA LEU A 310 26.16 -8.01 9.09
C LEU A 310 27.25 -8.92 8.54
N PRO A 311 26.98 -9.59 7.42
CA PRO A 311 28.01 -10.45 6.82
C PRO A 311 29.08 -9.63 6.13
N TYR A 312 30.28 -10.20 6.06
CA TYR A 312 31.34 -9.57 5.29
C TYR A 312 30.88 -9.43 3.85
N PRO A 313 31.19 -8.32 3.16
CA PRO A 313 32.05 -7.18 3.50
C PRO A 313 31.33 -6.01 4.17
N PHE A 314 30.06 -6.21 4.52
CA PHE A 314 29.29 -5.13 5.13
C PHE A 314 29.54 -5.02 6.63
N SER A 315 30.26 -5.97 7.21
N SER A 315 30.26 -5.96 7.22
CA SER A 315 30.45 -6.04 8.65
CA SER A 315 30.40 -6.02 8.66
C SER A 315 31.02 -4.75 9.21
C SER A 315 31.08 -4.79 9.24
N ASN A 316 31.95 -4.13 8.48
CA ASN A 316 32.67 -2.96 8.99
C ASN A 316 32.39 -1.69 8.17
N LYS A 317 31.27 -1.65 7.47
CA LYS A 317 30.87 -0.45 6.79
C LYS A 317 30.19 0.52 7.76
N GLN A 318 30.18 1.81 7.38
CA GLN A 318 29.39 2.79 8.11
C GLN A 318 27.91 2.54 7.89
N VAL A 319 27.16 2.45 8.98
CA VAL A 319 25.72 2.22 8.95
C VAL A 319 25.01 3.41 9.55
N ASP A 320 23.95 3.85 8.89
CA ASP A 320 23.07 4.88 9.42
C ASP A 320 21.80 4.23 9.95
N GLN A 321 21.50 4.47 11.22
CA GLN A 321 20.32 3.91 11.87
C GLN A 321 19.13 4.86 11.81
N TYR A 322 17.96 4.29 11.53
CA TYR A 322 16.67 5.00 11.61
C TYR A 322 15.76 4.10 12.45
N LEU A 323 15.83 4.25 13.76
CA LEU A 323 15.13 3.38 14.70
C LEU A 323 13.86 4.07 15.19
N LEU A 324 12.73 3.37 15.07
CA LEU A 324 11.44 3.90 15.46
C LEU A 324 10.99 3.23 16.75
N ARG A 325 10.57 4.03 17.72
CA ARG A 325 10.09 3.57 19.01
C ARG A 325 8.88 4.43 19.39
N PRO A 326 7.95 3.90 20.15
CA PRO A 326 6.78 4.70 20.54
C PRO A 326 7.18 5.75 21.55
N HIS A 327 6.44 6.86 21.53
CA HIS A 327 6.68 7.98 22.43
C HIS A 327 5.57 8.03 23.46
N GLY A 328 5.94 8.10 24.73
CA GLY A 328 4.99 8.37 25.78
C GLY A 328 4.49 7.15 26.52
N PRO A 329 3.57 7.39 27.47
CA PRO A 329 3.22 6.33 28.43
C PRO A 329 2.34 5.22 27.86
N ASP A 330 1.73 5.42 26.70
CA ASP A 330 0.92 4.37 26.08
C ASP A 330 1.77 3.25 25.50
N GLY A 331 3.09 3.40 25.44
CA GLY A 331 3.92 2.34 24.93
C GLY A 331 3.57 2.01 23.49
N LEU A 332 3.43 0.71 23.20
CA LEU A 332 3.13 0.28 21.84
C LEU A 332 1.79 0.80 21.34
N LEU A 333 0.89 1.21 22.24
CA LEU A 333 -0.39 1.77 21.85
C LEU A 333 -0.32 3.28 21.62
N SER A 334 0.87 3.87 21.64
CA SER A 334 0.97 5.30 21.42
C SER A 334 0.64 5.67 19.97
N LYS A 335 0.10 6.87 19.81
CA LYS A 335 -0.12 7.49 18.51
C LYS A 335 1.01 8.44 18.14
N SER A 336 2.10 8.47 18.93
CA SER A 336 3.28 9.24 18.60
C SER A 336 4.51 8.35 18.58
N VAL A 337 5.49 8.72 17.77
CA VAL A 337 6.66 7.89 17.51
C VAL A 337 7.90 8.77 17.49
N GLN A 338 9.01 8.18 17.94
CA GLN A 338 10.30 8.84 17.92
C GLN A 338 11.24 8.16 16.94
N LEU A 339 12.00 8.97 16.22
CA LEU A 339 13.07 8.52 15.35
C LEU A 339 14.38 8.79 16.06
N ASN A 340 15.11 7.74 16.42
CA ASN A 340 16.37 7.90 17.13
C ASN A 340 16.23 8.84 18.32
N GLY A 341 15.14 8.69 19.06
CA GLY A 341 14.93 9.41 20.28
C GLY A 341 14.30 10.78 20.15
N GLN A 342 13.89 11.19 18.95
CA GLN A 342 13.26 12.49 18.73
C GLN A 342 11.85 12.28 18.21
N THR A 343 10.87 12.84 18.92
CA THR A 343 9.48 12.71 18.48
C THR A 343 9.31 13.33 17.11
N LEU A 344 8.67 12.58 16.21
CA LEU A 344 8.41 13.08 14.86
C LEU A 344 7.12 13.90 14.86
N LYS A 345 7.23 15.15 14.41
CA LYS A 345 6.09 16.03 14.28
C LYS A 345 6.37 17.02 13.15
N MET A 346 5.30 17.50 12.52
CA MET A 346 5.48 18.50 11.48
C MET A 346 6.08 19.75 12.10
N VAL A 347 6.91 20.46 11.32
CA VAL A 347 7.48 21.72 11.75
C VAL A 347 6.40 22.81 11.72
N ASP A 348 5.58 22.81 10.67
CA ASP A 348 4.37 23.62 10.57
C ASP A 348 3.49 22.92 9.55
N ASP A 349 2.36 23.54 9.22
CA ASP A 349 1.39 22.83 8.39
C ASP A 349 1.92 22.55 6.99
N GLN A 350 3.00 23.21 6.58
CA GLN A 350 3.53 23.02 5.23
C GLN A 350 4.93 22.45 5.23
N THR A 351 5.43 21.94 6.36
CA THR A 351 6.84 21.57 6.47
C THR A 351 7.00 20.27 7.24
N LEU A 352 7.49 19.24 6.56
CA LEU A 352 7.87 18.00 7.19
C LEU A 352 9.19 18.19 7.94
N PRO A 353 9.41 17.46 9.03
CA PRO A 353 10.67 17.56 9.74
C PRO A 353 11.78 16.82 9.01
N PRO A 354 13.03 17.18 9.26
CA PRO A 354 14.13 16.35 8.78
C PRO A 354 14.09 14.99 9.45
N LEU A 355 14.40 13.97 8.70
CA LEU A 355 14.47 12.61 9.22
C LEU A 355 15.96 12.27 9.27
N LYS A 356 16.60 12.61 10.39
CA LYS A 356 18.06 12.53 10.44
C LYS A 356 18.53 11.13 10.82
N PRO A 357 19.56 10.59 10.16
CA PRO A 357 20.12 9.29 10.59
C PRO A 357 20.91 9.45 11.88
N LYS A 358 21.08 8.33 12.57
CA LYS A 358 22.07 8.22 13.64
C LYS A 358 23.22 7.36 13.14
N PRO A 359 24.37 7.94 12.79
CA PRO A 359 25.51 7.11 12.39
C PRO A 359 25.97 6.24 13.55
N LEU A 360 26.15 4.95 13.27
CA LEU A 360 26.64 3.99 14.25
C LEU A 360 28.15 3.81 14.12
N ARG A 361 28.76 3.27 15.17
CA ARG A 361 30.20 2.99 15.14
C ARG A 361 30.47 1.88 14.13
N PRO A 362 31.33 2.08 13.14
CA PRO A 362 31.61 0.99 12.20
C PRO A 362 32.09 -0.27 12.92
N GLY A 363 31.50 -1.40 12.54
CA GLY A 363 31.80 -2.67 13.17
C GLY A 363 30.90 -3.03 14.33
N SER A 364 30.10 -2.09 14.83
CA SER A 364 29.21 -2.41 15.94
C SER A 364 28.01 -3.22 15.46
N SER A 365 27.55 -4.12 16.31
CA SER A 365 26.32 -4.85 16.01
C SER A 365 25.14 -3.89 16.06
N LEU A 366 24.11 -4.18 15.27
CA LEU A 366 22.94 -3.31 15.16
C LEU A 366 21.95 -3.70 16.26
N GLY A 367 21.79 -2.83 17.25
CA GLY A 367 20.91 -3.10 18.36
C GLY A 367 19.47 -2.78 18.01
N LEU A 368 18.60 -3.78 18.07
CA LEU A 368 17.18 -3.60 17.74
C LEU A 368 16.38 -3.91 18.98
N PRO A 369 15.86 -2.90 19.68
CA PRO A 369 15.17 -3.16 20.94
C PRO A 369 13.94 -4.04 20.78
N ALA A 370 13.51 -4.61 21.91
CA ALA A 370 12.26 -5.38 21.94
C ALA A 370 11.12 -4.58 21.31
N PHE A 371 10.29 -5.27 20.54
CA PHE A 371 9.09 -4.69 19.94
C PHE A 371 9.39 -3.35 19.24
N SER A 372 10.32 -3.40 18.30
CA SER A 372 10.66 -2.21 17.53
C SER A 372 10.92 -2.60 16.08
N TYR A 373 11.09 -1.56 15.25
CA TYR A 373 11.45 -1.75 13.85
C TYR A 373 12.37 -0.60 13.46
N ALA A 374 13.19 -0.84 12.43
CA ALA A 374 14.20 0.13 12.06
C ALA A 374 14.64 -0.08 10.62
N PHE A 375 15.18 0.98 10.06
CA PHE A 375 15.89 0.94 8.80
C PHE A 375 17.37 1.18 9.11
N PHE A 376 18.22 0.48 8.38
CA PHE A 376 19.67 0.66 8.49
C PHE A 376 20.21 0.81 7.09
N VAL A 377 20.88 1.94 6.82
CA VAL A 377 21.48 2.15 5.51
C VAL A 377 22.95 1.82 5.63
N ILE A 378 23.40 0.88 4.80
CA ILE A 378 24.79 0.44 4.79
C ILE A 378 25.49 1.25 3.73
N ARG A 379 26.31 2.21 4.16
CA ARG A 379 26.94 3.15 3.26
C ARG A 379 28.20 2.56 2.63
N ASN A 380 28.45 2.96 1.39
CA ASN A 380 29.59 2.47 0.64
C ASN A 380 29.56 0.96 0.47
N ALA A 381 28.34 0.39 0.45
CA ALA A 381 28.21 -1.05 0.29
C ALA A 381 28.75 -1.51 -1.06
N LYS A 382 28.72 -0.61 -2.05
CA LYS A 382 29.29 -0.88 -3.38
C LYS A 382 28.78 -2.20 -3.94
N VAL A 383 27.50 -2.47 -3.73
CA VAL A 383 26.87 -3.67 -4.29
C VAL A 383 26.69 -3.45 -5.79
N PRO A 384 27.36 -4.24 -6.64
CA PRO A 384 27.19 -4.03 -8.09
C PRO A 384 25.74 -4.10 -8.54
N ALA A 385 24.93 -4.99 -7.93
CA ALA A 385 23.53 -5.12 -8.32
C ALA A 385 22.74 -3.85 -8.04
N CYS A 386 23.23 -2.98 -7.17
CA CYS A 386 22.60 -1.71 -6.87
C CYS A 386 23.16 -0.56 -7.70
N ILE A 387 24.13 -0.83 -8.57
CA ILE A 387 24.80 0.19 -9.37
C ILE A 387 24.29 0.06 -10.80
N GLN B 19 23.68 -15.24 22.63
CA GLN B 19 22.28 -15.68 22.71
C GLN B 19 21.36 -14.67 22.06
N ASP B 20 21.67 -13.37 22.24
CA ASP B 20 20.89 -12.30 21.64
C ASP B 20 21.58 -11.71 20.43
N VAL B 21 22.68 -12.28 19.97
CA VAL B 21 23.34 -11.84 18.76
C VAL B 21 22.83 -12.70 17.62
N VAL B 22 22.49 -12.07 16.50
CA VAL B 22 21.92 -12.75 15.34
C VAL B 22 22.76 -12.39 14.12
N ASP B 23 23.37 -13.40 13.51
CA ASP B 23 24.11 -13.19 12.28
C ASP B 23 23.17 -13.22 11.09
N LEU B 24 23.35 -12.28 10.16
CA LEU B 24 22.53 -12.23 8.98
C LEU B 24 23.30 -12.74 7.75
N ASP B 25 22.58 -13.43 6.87
CA ASP B 25 23.06 -13.77 5.54
C ASP B 25 22.38 -12.85 4.55
N PHE B 26 23.15 -12.32 3.60
CA PHE B 26 22.61 -11.47 2.54
C PHE B 26 22.79 -12.15 1.19
N PHE B 27 21.83 -11.96 0.32
CA PHE B 27 21.93 -12.32 -1.09
C PHE B 27 21.84 -11.03 -1.90
N THR B 28 22.94 -10.63 -2.51
CA THR B 28 23.02 -9.37 -3.21
C THR B 28 23.51 -9.42 -4.65
N GLN B 29 23.75 -10.62 -5.21
CA GLN B 29 24.38 -10.66 -6.52
C GLN B 29 23.48 -10.07 -7.61
N GLU B 30 22.16 -10.27 -7.51
CA GLU B 30 21.23 -9.66 -8.44
C GLU B 30 19.87 -9.58 -7.79
N PRO B 31 19.00 -8.68 -8.23
CA PRO B 31 17.71 -8.52 -7.56
C PRO B 31 16.79 -9.72 -7.75
N LEU B 32 16.00 -9.98 -6.72
CA LEU B 32 14.96 -10.98 -6.82
C LEU B 32 13.76 -10.44 -7.58
N HIS B 33 13.44 -9.17 -7.37
CA HIS B 33 12.33 -8.50 -8.02
C HIS B 33 12.67 -7.03 -8.11
N LEU B 34 11.91 -6.33 -8.95
N LEU B 34 11.95 -6.34 -9.00
CA LEU B 34 11.95 -4.87 -9.05
CA LEU B 34 11.94 -4.88 -9.05
C LEU B 34 10.56 -4.37 -8.75
C LEU B 34 10.52 -4.45 -8.68
N VAL B 35 10.41 -3.61 -7.67
CA VAL B 35 9.11 -3.01 -7.36
C VAL B 35 8.99 -1.67 -8.09
N SER B 36 7.76 -1.15 -8.17
CA SER B 36 7.55 0.15 -8.77
C SER B 36 8.18 1.25 -7.92
N PRO B 37 8.58 2.37 -8.52
CA PRO B 37 8.90 3.55 -7.69
C PRO B 37 7.75 3.93 -6.78
N SER B 38 6.52 3.62 -7.19
CA SER B 38 5.32 3.87 -6.42
C SER B 38 4.90 2.67 -5.57
N PHE B 39 5.84 1.80 -5.22
CA PHE B 39 5.54 0.58 -4.48
C PHE B 39 4.65 0.87 -3.27
N LEU B 40 5.00 1.87 -2.47
CA LEU B 40 4.18 2.23 -1.32
C LEU B 40 3.18 3.28 -1.80
N SER B 41 1.96 2.84 -2.04
CA SER B 41 0.87 3.69 -2.50
C SER B 41 -0.23 3.73 -1.45
N VAL B 42 -1.29 4.50 -1.75
CA VAL B 42 -2.32 4.78 -0.76
C VAL B 42 -3.69 4.83 -1.40
N THR B 43 -4.71 4.72 -0.57
CA THR B 43 -6.08 4.85 -1.02
C THR B 43 -6.80 5.97 -0.29
N ILE B 44 -7.90 6.42 -0.91
CA ILE B 44 -8.99 7.13 -0.25
C ILE B 44 -10.23 6.29 -0.48
N ASP B 45 -10.94 5.96 0.61
CA ASP B 45 -12.13 5.14 0.45
C ASP B 45 -13.22 5.93 -0.26
N ALA B 46 -13.88 5.27 -1.19
CA ALA B 46 -14.95 5.91 -1.96
C ALA B 46 -16.03 6.48 -1.05
N ASN B 47 -16.20 5.92 0.14
CA ASN B 47 -17.21 6.46 1.05
C ASN B 47 -16.91 7.90 1.46
N LEU B 48 -15.66 8.35 1.40
CA LEU B 48 -15.36 9.73 1.78
C LEU B 48 -16.09 10.71 0.89
N ALA B 49 -16.43 10.31 -0.35
CA ALA B 49 -17.15 11.19 -1.26
C ALA B 49 -18.58 11.45 -0.83
N THR B 50 -19.08 10.73 0.17
CA THR B 50 -20.39 11.03 0.75
C THR B 50 -20.31 12.01 1.93
N ASP B 51 -19.11 12.36 2.36
CA ASP B 51 -18.97 13.39 3.40
C ASP B 51 -19.26 14.75 2.77
N PRO B 52 -20.19 15.53 3.30
CA PRO B 52 -20.49 16.84 2.69
C PRO B 52 -19.30 17.78 2.67
N ARG B 53 -18.27 17.52 3.49
CA ARG B 53 -17.09 18.35 3.57
C ARG B 53 -16.00 17.92 2.60
N PHE B 54 -16.27 16.96 1.72
CA PHE B 54 -15.23 16.37 0.87
C PHE B 54 -14.31 17.40 0.22
N LEU B 55 -14.89 18.42 -0.43
CA LEU B 55 -14.07 19.41 -1.13
CA LEU B 55 -14.07 19.41 -1.13
C LEU B 55 -13.18 20.16 -0.15
N ILE B 56 -13.73 20.54 1.01
CA ILE B 56 -12.95 21.28 1.99
C ILE B 56 -11.84 20.43 2.58
N LEU B 57 -12.14 19.17 2.91
CA LEU B 57 -11.15 18.29 3.52
C LEU B 57 -9.95 18.13 2.61
N LEU B 58 -10.20 17.88 1.32
CA LEU B 58 -9.08 17.64 0.40
C LEU B 58 -8.33 18.91 0.03
N GLY B 59 -8.82 20.07 0.46
CA GLY B 59 -8.09 21.31 0.29
C GLY B 59 -7.12 21.64 1.42
N SER B 60 -7.07 20.80 2.45
CA SER B 60 -6.23 21.09 3.60
C SER B 60 -4.77 21.24 3.20
N PRO B 61 -4.11 22.33 3.60
CA PRO B 61 -2.67 22.44 3.28
C PRO B 61 -1.84 21.40 4.01
N LYS B 62 -2.21 21.08 5.25
CA LYS B 62 -1.50 20.05 6.00
C LYS B 62 -1.61 18.70 5.28
N LEU B 63 -2.81 18.36 4.83
CA LEU B 63 -3.02 17.09 4.12
C LEU B 63 -2.18 17.04 2.84
N ARG B 64 -2.15 18.14 2.09
CA ARG B 64 -1.38 18.17 0.86
C ARG B 64 0.11 17.99 1.13
N THR B 65 0.63 18.60 2.20
CA THR B 65 2.03 18.45 2.54
C THR B 65 2.35 16.99 2.88
N LEU B 66 1.48 16.35 3.66
CA LEU B 66 1.70 14.96 4.04
C LEU B 66 1.64 14.05 2.82
N ALA B 67 0.70 14.32 1.91
CA ALA B 67 0.58 13.49 0.71
C ALA B 67 1.80 13.64 -0.20
N ARG B 68 2.33 14.85 -0.32
CA ARG B 68 3.50 15.08 -1.16
C ARG B 68 4.68 14.29 -0.64
N GLY B 69 4.77 14.10 0.67
CA GLY B 69 5.84 13.30 1.25
C GLY B 69 5.87 11.88 0.73
N LEU B 70 4.73 11.36 0.28
CA LEU B 70 4.67 9.99 -0.21
C LEU B 70 4.81 9.88 -1.72
N SER B 71 4.98 11.00 -2.44
CA SER B 71 5.20 10.93 -3.88
C SER B 71 6.58 10.33 -4.14
N PRO B 72 6.75 9.48 -5.16
CA PRO B 72 5.72 9.03 -6.11
C PRO B 72 4.84 7.92 -5.55
N ALA B 73 3.55 8.01 -5.83
CA ALA B 73 2.61 7.01 -5.37
C ALA B 73 1.34 7.09 -6.20
N TYR B 74 0.65 5.97 -6.28
CA TYR B 74 -0.74 5.98 -6.70
C TYR B 74 -1.64 6.37 -5.54
N LEU B 75 -2.73 7.04 -5.89
CA LEU B 75 -3.84 7.33 -4.99
C LEU B 75 -5.07 6.64 -5.58
N ARG B 76 -5.51 5.56 -4.97
CA ARG B 76 -6.66 4.82 -5.46
C ARG B 76 -7.92 5.28 -4.74
N PHE B 77 -8.89 5.79 -5.49
CA PHE B 77 -10.20 6.18 -4.95
C PHE B 77 -11.17 5.04 -5.19
N GLY B 78 -11.46 4.28 -4.14
CA GLY B 78 -12.33 3.13 -4.28
C GLY B 78 -12.62 2.48 -2.95
N GLY B 79 -13.46 1.48 -2.99
CA GLY B 79 -13.87 0.76 -1.80
C GLY B 79 -15.26 0.21 -2.06
N THR B 80 -15.91 -0.28 -1.00
CA THR B 80 -17.23 -0.87 -1.21
C THR B 80 -18.16 0.10 -1.94
N LYS B 81 -18.12 1.37 -1.56
CA LYS B 81 -18.99 2.37 -2.16
C LYS B 81 -18.71 2.61 -3.64
N THR B 82 -17.58 2.14 -4.19
CA THR B 82 -17.38 2.22 -5.64
C THR B 82 -18.61 1.76 -6.41
N ASP B 83 -19.24 0.69 -5.96
CA ASP B 83 -20.35 0.08 -6.66
C ASP B 83 -21.69 0.61 -6.21
N PHE B 84 -21.68 1.74 -5.51
CA PHE B 84 -22.88 2.42 -5.03
C PHE B 84 -22.76 3.93 -5.23
N LEU B 85 -21.93 4.36 -6.19
CA LEU B 85 -21.76 5.77 -6.51
C LEU B 85 -22.08 5.98 -7.98
N ILE B 86 -22.81 7.06 -8.26
CA ILE B 86 -23.25 7.44 -9.60
C ILE B 86 -22.78 8.86 -9.87
N PHE B 87 -22.17 9.07 -11.05
CA PHE B 87 -21.78 10.42 -11.46
C PHE B 87 -23.04 11.18 -11.88
N ASP B 88 -23.24 12.37 -11.33
CA ASP B 88 -24.35 13.24 -11.71
C ASP B 88 -23.78 14.51 -12.30
N PRO B 89 -23.74 14.66 -13.63
CA PRO B 89 -23.11 15.85 -14.21
C PRO B 89 -23.89 17.13 -13.99
N LYS B 90 -25.11 17.07 -13.47
CA LYS B 90 -25.87 18.29 -13.21
C LYS B 90 -25.74 18.75 -11.76
N LYS B 91 -25.14 17.93 -10.90
CA LYS B 91 -25.01 18.27 -9.49
C LYS B 91 -23.98 19.38 -9.29
N GLU B 92 -24.30 20.35 -8.45
CA GLU B 92 -23.34 21.36 -8.05
C GLU B 92 -22.31 20.76 -7.09
C ACT C . -12.80 -2.40 5.57
O ACT C . -12.35 -1.66 6.44
OXT ACT C . -13.38 -3.51 5.74
CH3 ACT C . -12.67 -1.91 4.10
H1 ACT C . -12.97 -2.62 3.51
H2 ACT C . -11.76 -1.69 3.91
H3 ACT C . -13.24 -1.13 3.98
NA NA D . -13.61 7.35 4.71
NA NA E . -7.07 -1.01 -6.32
NA NA F . 2.95 -10.23 7.07
NA NA G . -9.67 2.01 -1.07
#